data_2H8H
#
_entry.id   2H8H
#
_cell.length_a   49.806
_cell.length_b   72.467
_cell.length_c   171.566
_cell.angle_alpha   90.00
_cell.angle_beta   90.00
_cell.angle_gamma   90.00
#
_symmetry.space_group_name_H-M   'P 21 21 21'
#
loop_
_entity.id
_entity.type
_entity.pdbx_description
1 polymer 'Proto-oncogene tyrosine-protein kinase Src'
2 non-polymer N-(5-CHLORO-1,3-BENZODIOXOL-4-YL)-7-[2-(4-METHYLPIPERAZIN-1-YL)ETHOXY]-5-(TETRAHYDRO-2H-PYRAN-4-YLOXY)QUINAZOLIN-4-AMINE
3 water water
#
_entity_poly.entity_id   1
_entity_poly.type   'polypeptide(L)'
_entity_poly.pdbx_seq_one_letter_code
;GSNKSKPKDASQRRRSLEPAENVHGAGGGAFPASQTPSKPASADGHRGPSAAFAPAAAEPKLFGGFNSSDTVTSPQRAGP
LAGGVTTFVALYDYESRTETDLSFKKGERLQIVNNTEGDWWLAHSLSTGQTGYIPSNYVAPSDSIQAEEWYFGKITRRES
ERLLLNAENPRGTFLVRESETTKGAYCLSVSDFDNAKGLNVKHYKIRKLDSGGFYITSRTQFNSLQQLVAYYSKHADGLC
HRLTTVCPTSKPQTQGLAKDAWEIPRESLRLEVKLGQGCFGEVWMGTWNGTTRVAIKTLKPGTMSPEAFLQEAQVMKKLR
HEKLVQLYAVVSEEPIYIVTEYMSKGSLLDFLKGETGKYLRLPQLVDMAAQIASGMAYVERMNYVHRDLRAANILVGENL
VCKVADFGLARLIEDNEYTARQGAKFPIKWTAPEAALYGRFTIKSDVWSFGILLTELTTKGRVPYPGMVNREVLDQVERG
YRMPCPPECPESLHDLMCQCWRKEPEERPTFEYLQAFLEDYFTSTEPQ(PTR)QPGENL
;
_entity_poly.pdbx_strand_id   A
#
loop_
_chem_comp.id
_chem_comp.type
_chem_comp.name
_chem_comp.formula
H8H non-polymer N-(5-CHLORO-1,3-BENZODIOXOL-4-YL)-7-[2-(4-METHYLPIPERAZIN-1-YL)ETHOXY]-5-(TETRAHYDRO-2H-PYRAN-4-YLOXY)QUINAZOLIN-4-AMINE 'C27 H32 Cl N5 O5'
#
# COMPACT_ATOMS: atom_id res chain seq x y z
N THR A 87 15.95 -26.74 -8.71
CA THR A 87 15.99 -25.94 -7.45
C THR A 87 15.25 -24.62 -7.64
N PHE A 88 14.74 -24.08 -6.52
CA PHE A 88 14.40 -22.69 -6.42
C PHE A 88 15.51 -21.95 -5.67
N VAL A 89 15.46 -20.62 -5.73
CA VAL A 89 16.42 -19.77 -5.04
C VAL A 89 15.67 -18.73 -4.21
N ALA A 90 16.18 -18.40 -3.04
CA ALA A 90 15.52 -17.42 -2.18
C ALA A 90 15.82 -16.02 -2.71
N LEU A 91 14.75 -15.23 -2.86
CA LEU A 91 14.83 -13.83 -3.27
C LEU A 91 15.07 -12.86 -2.12
N TYR A 92 14.88 -13.35 -0.89
CA TYR A 92 14.97 -12.57 0.33
C TYR A 92 15.33 -13.50 1.47
N ASP A 93 15.85 -12.91 2.54
CA ASP A 93 15.97 -13.62 3.80
C ASP A 93 14.57 -13.87 4.38
N TYR A 94 14.45 -14.96 5.13
CA TYR A 94 13.23 -15.27 5.87
C TYR A 94 13.57 -15.88 7.24
N GLU A 95 13.01 -15.30 8.29
CA GLU A 95 13.19 -15.75 9.66
C GLU A 95 12.00 -16.63 10.05
N SER A 96 12.33 -17.82 10.57
CA SER A 96 11.34 -18.78 11.01
C SER A 96 10.45 -18.15 12.09
N ARG A 97 9.15 -18.37 11.97
CA ARG A 97 8.15 -17.82 12.89
C ARG A 97 7.52 -18.91 13.72
N THR A 98 7.58 -20.15 13.23
CA THR A 98 7.00 -21.31 13.90
C THR A 98 8.02 -22.46 13.95
N GLU A 99 7.59 -23.59 14.53
CA GLU A 99 8.40 -24.79 14.65
C GLU A 99 8.42 -25.62 13.36
N THR A 100 7.49 -25.36 12.44
CA THR A 100 7.42 -26.14 11.21
C THR A 100 7.77 -25.37 9.92
N ASP A 101 8.04 -24.06 10.02
CA ASP A 101 8.61 -23.30 8.89
C ASP A 101 10.16 -23.43 8.78
N LEU A 102 10.74 -22.79 7.78
CA LEU A 102 12.14 -22.94 7.48
C LEU A 102 12.73 -21.59 7.27
N SER A 103 13.73 -21.23 8.09
CA SER A 103 14.53 -20.04 7.86
C SER A 103 15.41 -20.24 6.62
N PHE A 104 15.75 -19.14 5.96
CA PHE A 104 16.72 -19.18 4.85
C PHE A 104 17.22 -17.76 4.52
N LYS A 105 18.34 -17.71 3.81
CA LYS A 105 18.96 -16.45 3.42
C LYS A 105 18.83 -16.24 1.92
N LYS A 106 18.77 -14.96 1.53
CA LYS A 106 18.78 -14.54 0.14
C LYS A 106 19.86 -15.30 -0.61
N GLY A 107 19.51 -15.92 -1.73
CA GLY A 107 20.45 -16.70 -2.52
C GLY A 107 20.51 -18.19 -2.24
N GLU A 108 20.08 -18.62 -1.06
CA GLU A 108 20.10 -20.04 -0.70
C GLU A 108 19.34 -20.87 -1.73
N ARG A 109 19.86 -22.03 -2.09
CA ARG A 109 19.19 -22.93 -3.04
C ARG A 109 18.22 -23.84 -2.29
N LEU A 110 16.96 -23.84 -2.70
CA LEU A 110 15.93 -24.63 -2.01
C LEU A 110 15.28 -25.57 -3.00
N GLN A 111 15.13 -26.84 -2.64
CA GLN A 111 14.21 -27.71 -3.37
C GLN A 111 12.81 -27.55 -2.81
N ILE A 112 11.83 -27.34 -3.68
CA ILE A 112 10.42 -27.40 -3.30
C ILE A 112 10.00 -28.88 -3.36
N VAL A 113 9.63 -29.42 -2.20
CA VAL A 113 9.36 -30.87 -2.08
C VAL A 113 7.86 -31.17 -1.89
N ASN A 114 7.06 -30.13 -1.77
CA ASN A 114 5.62 -30.30 -1.80
C ASN A 114 4.96 -28.94 -2.09
N ASN A 115 4.41 -28.79 -3.29
CA ASN A 115 3.81 -27.52 -3.71
C ASN A 115 2.33 -27.67 -4.02
N THR A 116 1.73 -28.76 -3.50
CA THR A 116 0.31 -29.05 -3.68
C THR A 116 -0.50 -28.14 -2.77
N GLU A 117 -0.37 -26.83 -3.04
N GLU A 117 -0.33 -26.83 -3.00
CA GLU A 117 -0.76 -25.79 -2.10
CA GLU A 117 -0.94 -25.77 -2.22
C GLU A 117 -0.85 -24.46 -2.88
C GLU A 117 -0.49 -24.46 -2.89
N GLY A 118 -0.61 -23.32 -2.21
CA GLY A 118 -0.50 -22.04 -2.88
C GLY A 118 0.47 -21.08 -2.26
N ASP A 119 0.23 -20.79 -0.99
CA ASP A 119 0.90 -19.68 -0.35
C ASP A 119 2.10 -20.17 0.45
N TRP A 120 2.03 -21.38 1.01
CA TRP A 120 3.16 -21.91 1.79
C TRP A 120 3.58 -23.24 1.24
N TRP A 121 4.84 -23.34 0.84
CA TRP A 121 5.38 -24.57 0.25
C TRP A 121 6.33 -25.29 1.18
N LEU A 122 6.33 -26.61 1.12
CA LEU A 122 7.31 -27.41 1.84
C LEU A 122 8.63 -27.40 1.05
N ALA A 123 9.68 -26.89 1.68
CA ALA A 123 11.00 -26.83 1.08
C ALA A 123 12.10 -27.55 1.90
N HIS A 124 13.24 -27.71 1.22
CA HIS A 124 14.38 -28.45 1.69
C HIS A 124 15.64 -27.68 1.28
N SER A 125 16.32 -27.13 2.27
CA SER A 125 17.56 -26.41 2.02
C SER A 125 18.59 -27.38 1.48
N LEU A 126 19.13 -27.08 0.29
CA LEU A 126 20.20 -27.91 -0.26
C LEU A 126 21.55 -27.59 0.39
N SER A 127 21.54 -26.53 1.19
CA SER A 127 22.68 -26.04 1.93
C SER A 127 22.76 -26.69 3.32
N THR A 128 21.70 -26.57 4.12
CA THR A 128 21.67 -27.09 5.51
C THR A 128 21.02 -28.46 5.68
N GLY A 129 20.21 -28.87 4.72
CA GLY A 129 19.47 -30.12 4.83
C GLY A 129 18.22 -30.05 5.71
N GLN A 130 17.95 -28.89 6.32
CA GLN A 130 16.73 -28.72 7.10
C GLN A 130 15.57 -28.54 6.13
N THR A 131 14.36 -28.82 6.64
CA THR A 131 13.10 -28.80 5.88
C THR A 131 12.08 -27.94 6.64
N GLY A 132 11.06 -27.48 5.94
CA GLY A 132 10.00 -26.73 6.58
C GLY A 132 9.24 -25.93 5.56
N TYR A 133 8.10 -25.39 5.96
CA TYR A 133 7.32 -24.53 5.07
C TYR A 133 7.95 -23.16 4.84
N ILE A 134 7.71 -22.61 3.64
CA ILE A 134 8.20 -21.31 3.25
C ILE A 134 7.12 -20.54 2.48
N PRO A 135 7.22 -19.19 2.44
CA PRO A 135 6.26 -18.45 1.63
C PRO A 135 6.70 -18.51 0.17
N SER A 136 5.82 -18.97 -0.70
CA SER A 136 6.12 -19.20 -2.10
C SER A 136 6.55 -17.92 -2.86
N ASN A 137 6.07 -16.74 -2.44
CA ASN A 137 6.48 -15.49 -3.09
C ASN A 137 7.90 -15.07 -2.72
N TYR A 138 8.60 -15.84 -1.87
CA TYR A 138 9.98 -15.50 -1.48
C TYR A 138 11.02 -16.24 -2.31
N VAL A 139 10.57 -17.05 -3.26
CA VAL A 139 11.47 -17.87 -4.07
C VAL A 139 11.15 -17.78 -5.57
N ALA A 140 12.11 -18.13 -6.41
CA ALA A 140 11.80 -18.33 -7.83
C ALA A 140 12.62 -19.44 -8.44
N PRO A 141 12.15 -19.99 -9.57
CA PRO A 141 12.96 -21.05 -10.18
C PRO A 141 14.36 -20.57 -10.48
N SER A 142 15.34 -21.38 -10.12
CA SER A 142 16.73 -21.09 -10.47
C SER A 142 16.81 -20.88 -11.99
N ASP A 143 17.67 -19.98 -12.41
CA ASP A 143 17.80 -19.67 -13.84
C ASP A 143 16.53 -19.10 -14.53
N SER A 144 15.46 -18.81 -13.78
CA SER A 144 14.33 -18.04 -14.30
C SER A 144 14.68 -16.57 -14.22
N ILE A 145 13.98 -15.75 -15.02
CA ILE A 145 14.25 -14.30 -15.02
C ILE A 145 13.89 -13.73 -13.66
N GLN A 146 12.85 -14.29 -13.06
CA GLN A 146 12.41 -13.93 -11.69
C GLN A 146 13.48 -14.19 -10.63
N ALA A 147 14.43 -15.07 -10.91
CA ALA A 147 15.54 -15.33 -10.01
C ALA A 147 16.51 -14.16 -9.91
N GLU A 148 16.55 -13.28 -10.92
CA GLU A 148 17.49 -12.15 -10.87
C GLU A 148 17.01 -11.07 -9.92
N GLU A 149 17.91 -10.57 -9.09
CA GLU A 149 17.51 -9.64 -8.05
C GLU A 149 17.09 -8.28 -8.59
N TRP A 150 17.50 -7.95 -9.80
CA TRP A 150 17.14 -6.70 -10.42
C TRP A 150 15.81 -6.79 -11.23
N TYR A 151 15.28 -8.01 -11.39
CA TYR A 151 14.05 -8.18 -12.16
C TYR A 151 12.84 -7.96 -11.24
N PHE A 152 12.11 -6.88 -11.47
CA PHE A 152 11.02 -6.54 -10.56
C PHE A 152 9.66 -6.90 -11.15
N GLY A 153 9.66 -7.55 -12.32
CA GLY A 153 8.42 -7.99 -12.96
C GLY A 153 7.42 -6.87 -13.25
N LYS A 154 6.21 -7.05 -12.75
CA LYS A 154 5.09 -6.15 -13.02
C LYS A 154 5.03 -5.14 -11.86
N ILE A 155 5.59 -3.97 -12.11
CA ILE A 155 5.61 -2.88 -11.16
C ILE A 155 5.44 -1.64 -12.01
N THR A 156 4.64 -0.69 -11.54
CA THR A 156 4.35 0.50 -12.33
C THR A 156 5.60 1.36 -12.34
N ARG A 157 5.71 2.27 -13.31
CA ARG A 157 6.88 3.16 -13.32
C ARG A 157 6.88 4.07 -12.13
N ARG A 158 5.69 4.46 -11.69
CA ARG A 158 5.61 5.30 -10.52
C ARG A 158 6.08 4.59 -9.27
N GLU A 159 5.71 3.33 -9.10
CA GLU A 159 6.19 2.59 -7.93
C GLU A 159 7.67 2.27 -8.04
N SER A 160 8.15 2.04 -9.25
CA SER A 160 9.58 1.85 -9.45
C SER A 160 10.36 3.15 -9.14
N GLU A 161 9.79 4.31 -9.51
CA GLU A 161 10.34 5.63 -9.15
C GLU A 161 10.41 5.87 -7.67
N ARG A 162 9.33 5.57 -6.94
CA ARG A 162 9.36 5.65 -5.49
C ARG A 162 10.53 4.89 -4.88
N LEU A 163 10.77 3.68 -5.38
CA LEU A 163 11.86 2.87 -4.87
C LEU A 163 13.23 3.43 -5.22
N LEU A 164 13.38 3.91 -6.46
CA LEU A 164 14.69 4.30 -7.00
C LEU A 164 15.16 5.66 -6.48
N LEU A 165 14.19 6.55 -6.28
CA LEU A 165 14.43 7.87 -5.70
C LEU A 165 14.76 7.82 -4.21
N ASN A 166 14.81 6.64 -3.59
CA ASN A 166 15.22 6.54 -2.19
C ASN A 166 16.54 7.29 -1.94
N ALA A 167 16.63 7.93 -0.77
CA ALA A 167 17.75 8.83 -0.42
C ALA A 167 19.11 8.16 -0.52
N GLU A 168 19.14 6.90 -0.09
CA GLU A 168 20.37 6.16 0.08
C GLU A 168 20.86 5.43 -1.17
N ASN A 169 20.31 5.75 -2.35
CA ASN A 169 20.64 5.01 -3.59
C ASN A 169 21.74 5.71 -4.37
N PRO A 170 22.85 5.01 -4.69
CA PRO A 170 23.84 5.66 -5.57
C PRO A 170 23.29 5.99 -6.98
N ARG A 171 23.96 6.88 -7.70
CA ARG A 171 23.80 6.98 -9.14
C ARG A 171 23.90 5.58 -9.77
N GLY A 172 23.11 5.34 -10.81
CA GLY A 172 23.07 4.04 -11.49
C GLY A 172 22.49 2.88 -10.70
N THR A 173 21.69 3.19 -9.68
CA THR A 173 20.86 2.19 -9.03
C THR A 173 19.72 1.90 -10.02
N PHE A 174 19.38 0.63 -10.19
CA PHE A 174 18.50 0.21 -11.28
C PHE A 174 17.65 -1.01 -10.97
N LEU A 175 16.66 -1.20 -11.82
CA LEU A 175 15.86 -2.42 -11.89
C LEU A 175 15.34 -2.59 -13.30
N VAL A 176 14.92 -3.82 -13.62
CA VAL A 176 14.23 -4.11 -14.86
C VAL A 176 12.79 -4.55 -14.51
N ARG A 177 11.83 -4.01 -15.27
CA ARG A 177 10.41 -4.31 -15.15
C ARG A 177 9.76 -4.50 -16.54
N GLU A 178 8.50 -4.94 -16.52
CA GLU A 178 7.71 -5.07 -17.73
C GLU A 178 7.28 -3.70 -18.15
N SER A 179 7.20 -3.52 -19.47
CA SER A 179 6.68 -2.28 -20.07
C SER A 179 5.16 -2.22 -19.98
N GLU A 180 4.62 -1.07 -19.61
CA GLU A 180 3.19 -0.92 -19.47
C GLU A 180 2.55 -0.49 -20.80
N THR A 181 3.36 0.11 -21.68
CA THR A 181 2.84 0.68 -22.91
C THR A 181 3.05 -0.25 -24.08
N THR A 182 4.01 -1.17 -23.96
CA THR A 182 4.30 -2.16 -24.99
C THR A 182 4.36 -3.53 -24.34
N LYS A 183 3.29 -4.32 -24.53
CA LYS A 183 3.26 -5.71 -24.05
C LYS A 183 4.39 -6.49 -24.74
N GLY A 184 5.07 -7.36 -23.98
CA GLY A 184 6.24 -8.10 -24.49
C GLY A 184 7.57 -7.35 -24.33
N ALA A 185 7.52 -6.08 -23.94
CA ALA A 185 8.71 -5.28 -23.73
C ALA A 185 8.96 -5.06 -22.24
N TYR A 186 10.17 -4.59 -21.96
CA TYR A 186 10.69 -4.42 -20.61
C TYR A 186 11.23 -3.02 -20.53
N CYS A 187 11.69 -2.66 -19.34
CA CYS A 187 12.20 -1.32 -19.09
C CYS A 187 13.30 -1.36 -18.04
N LEU A 188 14.46 -0.78 -18.37
CA LEU A 188 15.51 -0.48 -17.40
C LEU A 188 15.28 0.92 -16.88
N SER A 189 14.99 1.00 -15.58
CA SER A 189 14.79 2.27 -14.92
C SER A 189 16.02 2.51 -14.06
N VAL A 190 16.62 3.71 -14.15
CA VAL A 190 17.93 4.01 -13.55
C VAL A 190 17.98 5.36 -12.81
N SER A 191 18.47 5.35 -11.57
CA SER A 191 18.63 6.59 -10.80
C SER A 191 19.76 7.44 -11.36
N ASP A 192 19.53 8.76 -11.41
CA ASP A 192 20.57 9.71 -11.80
C ASP A 192 20.56 10.95 -10.88
N PHE A 193 21.64 11.72 -10.97
CA PHE A 193 21.72 12.97 -10.26
C PHE A 193 22.31 14.04 -11.16
N ASP A 194 21.54 15.12 -11.23
CA ASP A 194 21.83 16.29 -12.05
C ASP A 194 22.00 17.49 -11.10
N ASN A 195 22.99 18.34 -11.36
CA ASN A 195 23.17 19.50 -10.48
C ASN A 195 22.14 20.61 -10.72
N ALA A 196 21.40 20.54 -11.83
CA ALA A 196 20.18 21.31 -12.00
C ALA A 196 18.99 20.61 -11.38
N LYS A 197 18.67 19.41 -11.89
CA LYS A 197 17.43 18.71 -11.56
C LYS A 197 17.45 17.85 -10.27
N GLY A 198 18.63 17.64 -9.68
CA GLY A 198 18.75 16.80 -8.49
C GLY A 198 18.60 15.32 -8.80
N LEU A 199 18.10 14.59 -7.81
CA LEU A 199 17.75 13.17 -7.96
C LEU A 199 16.63 13.02 -8.97
N ASN A 200 16.88 12.21 -10.01
CA ASN A 200 15.85 11.85 -11.00
C ASN A 200 16.00 10.42 -11.45
N VAL A 201 15.00 9.95 -12.18
CA VAL A 201 15.01 8.60 -12.75
C VAL A 201 14.87 8.66 -14.26
N LYS A 202 15.74 7.93 -14.97
CA LYS A 202 15.64 7.73 -16.39
C LYS A 202 15.13 6.33 -16.69
N HIS A 203 14.35 6.22 -17.76
CA HIS A 203 13.67 4.99 -18.14
C HIS A 203 13.99 4.65 -19.58
N TYR A 204 14.48 3.44 -19.82
CA TYR A 204 14.83 2.97 -21.17
C TYR A 204 14.02 1.76 -21.54
N LYS A 205 13.34 1.86 -22.67
CA LYS A 205 12.50 0.78 -23.15
C LYS A 205 13.38 -0.25 -23.83
N ILE A 206 13.28 -1.48 -23.34
CA ILE A 206 14.00 -2.62 -23.90
C ILE A 206 13.05 -3.39 -24.82
N ARG A 207 13.38 -3.40 -26.10
CA ARG A 207 12.57 -4.08 -27.08
C ARG A 207 13.28 -5.32 -27.58
N LYS A 208 12.50 -6.27 -28.08
CA LYS A 208 13.05 -7.53 -28.56
C LYS A 208 12.92 -7.64 -30.07
N LEU A 209 13.96 -8.17 -30.72
CA LEU A 209 14.21 -7.91 -32.13
C LEU A 209 13.63 -9.01 -33.01
N ASP A 210 12.62 -9.70 -32.51
CA ASP A 210 11.74 -10.50 -33.35
C ASP A 210 12.47 -11.70 -33.92
N SER A 211 13.63 -11.45 -34.52
CA SER A 211 14.71 -12.43 -34.52
C SER A 211 15.14 -12.79 -33.10
N GLY A 212 14.80 -11.91 -32.15
CA GLY A 212 14.56 -12.32 -30.78
C GLY A 212 15.54 -11.68 -29.81
N GLY A 213 16.28 -10.69 -30.29
CA GLY A 213 17.32 -10.06 -29.50
C GLY A 213 16.83 -8.85 -28.74
N PHE A 214 17.39 -8.63 -27.56
CA PHE A 214 17.00 -7.50 -26.72
C PHE A 214 17.95 -6.33 -26.92
N TYR A 215 17.40 -5.11 -27.03
CA TYR A 215 18.17 -3.90 -27.24
C TYR A 215 17.47 -2.65 -26.62
N ILE A 216 18.27 -1.67 -26.21
CA ILE A 216 17.85 -0.31 -25.90
C ILE A 216 18.19 0.65 -27.09
N THR A 217 19.37 0.48 -27.68
CA THR A 217 19.73 1.11 -28.95
C THR A 217 20.00 0.02 -29.98
N SER A 218 19.69 0.26 -31.25
CA SER A 218 19.95 -0.72 -32.33
C SER A 218 21.42 -1.13 -32.45
N ARG A 219 22.33 -0.21 -32.09
CA ARG A 219 23.79 -0.43 -32.03
C ARG A 219 24.27 -1.66 -31.29
N THR A 220 23.58 -1.98 -30.19
CA THR A 220 24.03 -2.97 -29.24
C THR A 220 22.85 -3.84 -28.81
N GLN A 221 22.94 -5.13 -29.11
CA GLN A 221 21.84 -6.07 -28.94
C GLN A 221 22.32 -7.28 -28.16
N PHE A 222 21.39 -7.93 -27.45
CA PHE A 222 21.74 -9.02 -26.55
C PHE A 222 20.76 -10.19 -26.67
N ASN A 223 21.26 -11.39 -26.36
CA ASN A 223 20.49 -12.63 -26.35
C ASN A 223 19.60 -12.80 -25.15
N SER A 224 19.87 -12.04 -24.10
CA SER A 224 19.04 -12.06 -22.90
C SER A 224 19.12 -10.74 -22.16
N LEU A 225 18.15 -10.54 -21.29
CA LEU A 225 18.14 -9.41 -20.39
C LEU A 225 19.37 -9.43 -19.47
N GLN A 226 19.78 -10.61 -19.03
CA GLN A 226 20.89 -10.72 -18.08
C GLN A 226 22.21 -10.30 -18.72
N GLN A 227 22.35 -10.59 -20.00
CA GLN A 227 23.50 -10.14 -20.80
C GLN A 227 23.53 -8.61 -20.93
N LEU A 228 22.35 -8.04 -21.15
CA LEU A 228 22.16 -6.59 -21.23
C LEU A 228 22.60 -5.91 -19.94
N VAL A 229 22.07 -6.38 -18.81
CA VAL A 229 22.45 -5.82 -17.50
C VAL A 229 23.94 -6.01 -17.19
N ALA A 230 24.49 -7.16 -17.56
CA ALA A 230 25.93 -7.40 -17.46
C ALA A 230 26.70 -6.31 -18.21
N TYR A 231 26.32 -6.05 -19.46
CA TYR A 231 27.06 -5.11 -20.30
C TYR A 231 27.03 -3.72 -19.73
N TYR A 232 25.82 -3.23 -19.48
CA TYR A 232 25.64 -1.88 -18.94
C TYR A 232 26.04 -1.75 -17.48
N SER A 233 26.26 -2.86 -16.79
CA SER A 233 26.94 -2.82 -15.49
C SER A 233 28.44 -2.43 -15.58
N LYS A 234 29.04 -2.59 -16.76
CA LYS A 234 30.45 -2.30 -17.01
C LYS A 234 30.65 -0.99 -17.75
N HIS A 235 29.70 -0.61 -18.61
CA HIS A 235 29.83 0.64 -19.38
C HIS A 235 28.48 1.30 -19.58
N ALA A 236 28.42 2.59 -19.29
CA ALA A 236 27.21 3.39 -19.50
C ALA A 236 26.77 3.38 -20.97
N ASP A 237 27.75 3.45 -21.86
CA ASP A 237 27.50 3.84 -23.24
C ASP A 237 26.48 5.01 -23.32
N GLY A 238 25.30 4.78 -23.89
CA GLY A 238 24.32 5.85 -24.06
C GLY A 238 23.37 6.05 -22.89
N LEU A 239 23.56 5.29 -21.81
CA LEU A 239 22.77 5.46 -20.60
C LEU A 239 23.29 6.61 -19.76
N CYS A 240 22.42 7.15 -18.93
CA CYS A 240 22.76 8.26 -18.05
C CYS A 240 23.91 7.90 -17.14
N HIS A 241 24.05 6.62 -16.84
CA HIS A 241 25.08 6.15 -15.92
C HIS A 241 25.23 4.64 -16.01
N ARG A 242 26.43 4.15 -15.74
CA ARG A 242 26.72 2.71 -15.60
C ARG A 242 25.76 2.13 -14.57
N LEU A 243 25.33 0.89 -14.75
CA LEU A 243 24.53 0.21 -13.75
C LEU A 243 25.41 -0.20 -12.57
N THR A 244 25.15 0.41 -11.41
CA THR A 244 26.00 0.24 -10.25
C THR A 244 25.40 -0.67 -9.19
N THR A 245 24.11 -0.59 -8.95
CA THR A 245 23.55 -1.10 -7.70
C THR A 245 22.14 -1.55 -7.91
N VAL A 246 21.83 -2.76 -7.47
CA VAL A 246 20.49 -3.27 -7.61
C VAL A 246 19.59 -2.48 -6.65
N CYS A 247 18.47 -1.98 -7.16
CA CYS A 247 17.48 -1.30 -6.34
C CYS A 247 17.01 -2.16 -5.17
N PRO A 248 17.15 -1.65 -3.94
CA PRO A 248 16.66 -2.36 -2.78
C PRO A 248 15.14 -2.25 -2.67
N THR A 249 14.52 -3.21 -2.01
CA THR A 249 13.08 -3.19 -1.78
C THR A 249 12.81 -3.84 -0.44
N SER A 250 11.59 -3.71 0.06
CA SER A 250 11.19 -4.40 1.29
C SER A 250 10.75 -5.82 0.96
N LYS A 251 10.88 -6.71 1.93
CA LYS A 251 10.46 -8.08 1.79
C LYS A 251 8.96 -8.11 1.61
N PRO A 252 8.48 -8.95 0.67
CA PRO A 252 7.04 -9.08 0.44
C PRO A 252 6.29 -9.40 1.72
N GLN A 253 4.99 -9.14 1.69
CA GLN A 253 4.09 -9.64 2.69
C GLN A 253 3.86 -11.12 2.38
N THR A 254 4.01 -11.99 3.37
CA THR A 254 3.60 -13.40 3.17
C THR A 254 2.09 -13.46 3.14
N GLN A 255 1.54 -14.61 2.77
CA GLN A 255 0.10 -14.76 2.80
C GLN A 255 -0.29 -15.43 4.10
N GLY A 256 -0.61 -14.62 5.09
CA GLY A 256 -0.89 -15.13 6.41
C GLY A 256 0.40 -15.11 7.19
N LEU A 257 0.28 -15.44 8.47
CA LEU A 257 1.43 -15.50 9.37
C LEU A 257 2.21 -16.78 9.19
N ALA A 258 1.47 -17.81 8.79
CA ALA A 258 1.95 -19.18 8.72
C ALA A 258 0.92 -20.03 8.03
N LYS A 259 1.37 -21.16 7.48
CA LYS A 259 0.48 -22.13 6.85
C LYS A 259 -0.71 -22.46 7.76
N ASP A 260 -1.89 -22.29 7.20
CA ASP A 260 -3.18 -22.50 7.86
C ASP A 260 -3.42 -21.70 9.15
N ALA A 261 -2.66 -20.62 9.36
CA ALA A 261 -2.93 -19.76 10.49
C ALA A 261 -4.01 -18.76 10.07
N TRP A 262 -5.13 -18.74 10.78
CA TRP A 262 -6.18 -17.76 10.50
C TRP A 262 -6.97 -17.37 11.75
N GLU A 263 -7.78 -18.30 12.24
CA GLU A 263 -8.43 -18.20 13.54
C GLU A 263 -7.43 -18.70 14.57
N ILE A 264 -6.76 -17.77 15.24
CA ILE A 264 -5.63 -18.14 16.08
C ILE A 264 -6.00 -18.10 17.55
N PRO A 265 -5.29 -18.85 18.39
CA PRO A 265 -5.57 -18.75 19.80
C PRO A 265 -5.07 -17.45 20.42
N ARG A 266 -5.88 -16.88 21.28
CA ARG A 266 -5.55 -15.67 22.04
C ARG A 266 -4.14 -15.68 22.63
N GLU A 267 -3.69 -16.86 23.06
CA GLU A 267 -2.47 -17.00 23.83
C GLU A 267 -1.25 -16.89 22.93
N SER A 268 -1.47 -16.91 21.61
CA SER A 268 -0.38 -16.81 20.64
C SER A 268 0.13 -15.37 20.53
N LEU A 269 -0.58 -14.43 21.17
CA LEU A 269 -0.23 -13.03 21.10
C LEU A 269 0.23 -12.41 22.44
N ARG A 270 1.34 -11.68 22.40
CA ARG A 270 1.81 -10.84 23.48
C ARG A 270 1.57 -9.39 23.07
N LEU A 271 0.85 -8.63 23.89
CA LEU A 271 0.74 -7.20 23.66
C LEU A 271 1.88 -6.48 24.34
N GLU A 272 2.53 -5.53 23.65
CA GLU A 272 3.74 -4.87 24.19
C GLU A 272 3.66 -3.37 24.36
N VAL A 273 3.20 -2.66 23.33
CA VAL A 273 3.16 -1.20 23.32
C VAL A 273 1.80 -0.73 22.81
N LYS A 274 1.08 0.02 23.64
CA LYS A 274 -0.21 0.57 23.29
C LYS A 274 -0.04 1.73 22.33
N LEU A 275 -0.71 1.63 21.18
CA LEU A 275 -0.60 2.60 20.09
C LEU A 275 -1.79 3.55 20.07
N GLY A 276 -2.93 3.12 20.63
CA GLY A 276 -4.16 3.89 20.53
C GLY A 276 -5.28 3.31 21.35
N GLN A 277 -6.24 4.18 21.69
CA GLN A 277 -7.49 3.82 22.36
C GLN A 277 -8.64 4.66 21.79
N GLY A 278 -9.63 4.01 21.20
CA GLY A 278 -10.87 4.68 20.77
C GLY A 278 -12.05 4.16 21.55
N CYS A 279 -13.26 4.59 21.19
N CYS A 279 -13.25 4.59 21.18
CA CYS A 279 -14.45 4.24 21.98
CA CYS A 279 -14.47 4.25 21.92
C CYS A 279 -14.89 2.78 21.82
C CYS A 279 -14.80 2.75 21.87
N PHE A 280 -14.36 2.07 20.82
CA PHE A 280 -14.72 0.67 20.60
C PHE A 280 -13.63 -0.34 21.00
N GLY A 281 -12.39 0.12 21.23
CA GLY A 281 -11.28 -0.74 21.62
C GLY A 281 -9.93 -0.03 21.62
N GLU A 282 -8.85 -0.79 21.43
CA GLU A 282 -7.46 -0.28 21.47
C GLU A 282 -6.61 -0.93 20.39
N VAL A 283 -5.50 -0.29 20.05
CA VAL A 283 -4.52 -0.85 19.13
C VAL A 283 -3.20 -0.98 19.90
N TRP A 284 -2.57 -2.16 19.78
CA TRP A 284 -1.34 -2.49 20.42
C TRP A 284 -0.36 -2.98 19.38
N MET A 285 0.90 -2.66 19.59
CA MET A 285 1.97 -3.40 18.93
C MET A 285 2.21 -4.61 19.80
N GLY A 286 2.50 -5.72 19.14
CA GLY A 286 2.72 -6.96 19.83
C GLY A 286 3.44 -7.98 19.00
N THR A 287 3.35 -9.23 19.45
CA THR A 287 4.15 -10.31 18.88
C THR A 287 3.32 -11.57 18.85
N TRP A 288 3.40 -12.26 17.73
CA TRP A 288 2.67 -13.48 17.52
C TRP A 288 3.65 -14.66 17.60
N ASN A 289 3.26 -15.67 18.39
CA ASN A 289 3.99 -16.93 18.51
C ASN A 289 5.43 -16.78 18.97
N GLY A 290 5.73 -15.71 19.70
CA GLY A 290 7.06 -15.46 20.20
C GLY A 290 8.03 -14.91 19.17
N THR A 291 7.60 -14.78 17.92
CA THR A 291 8.53 -14.51 16.83
C THR A 291 8.17 -13.38 15.86
N THR A 292 6.92 -12.93 15.81
CA THR A 292 6.50 -12.08 14.68
C THR A 292 5.81 -10.80 15.12
N ARG A 293 6.41 -9.68 14.76
CA ARG A 293 5.84 -8.34 14.94
C ARG A 293 4.49 -8.22 14.23
N VAL A 294 3.45 -7.84 14.98
CA VAL A 294 2.13 -7.56 14.41
C VAL A 294 1.50 -6.34 15.11
N ALA A 295 0.48 -5.75 14.48
CA ALA A 295 -0.44 -4.83 15.13
C ALA A 295 -1.71 -5.57 15.54
N ILE A 296 -2.23 -5.24 16.70
CA ILE A 296 -3.36 -5.95 17.25
C ILE A 296 -4.41 -4.94 17.66
N LYS A 297 -5.62 -5.04 17.11
CA LYS A 297 -6.74 -4.22 17.55
C LYS A 297 -7.69 -5.12 18.33
N THR A 298 -8.14 -4.66 19.49
CA THR A 298 -9.11 -5.34 20.35
C THR A 298 -10.43 -4.59 20.31
N LEU A 299 -11.54 -5.31 20.37
CA LEU A 299 -12.86 -4.70 20.43
C LEU A 299 -13.50 -5.02 21.77
N LYS A 300 -14.09 -4.01 22.43
CA LYS A 300 -14.78 -4.22 23.70
C LYS A 300 -15.90 -5.21 23.49
N PRO A 301 -16.11 -6.13 24.45
CA PRO A 301 -17.23 -7.05 24.33
C PRO A 301 -18.54 -6.29 24.18
N GLY A 302 -19.41 -6.76 23.28
CA GLY A 302 -20.70 -6.11 23.01
C GLY A 302 -20.66 -5.10 21.88
N THR A 303 -19.49 -4.94 21.25
CA THR A 303 -19.31 -4.03 20.13
C THR A 303 -19.96 -4.57 18.85
N MET A 304 -19.80 -5.86 18.61
CA MET A 304 -20.39 -6.55 17.46
C MET A 304 -20.48 -8.06 17.70
N SER A 305 -21.37 -8.73 17.00
CA SER A 305 -21.48 -10.18 17.18
C SER A 305 -20.26 -10.86 16.56
N PRO A 306 -19.61 -11.76 17.31
CA PRO A 306 -18.52 -12.53 16.74
C PRO A 306 -18.85 -13.25 15.44
N GLU A 307 -20.11 -13.62 15.26
CA GLU A 307 -20.56 -14.38 14.11
C GLU A 307 -20.58 -13.50 12.86
N ALA A 308 -21.11 -12.29 13.03
CA ALA A 308 -21.10 -11.29 11.97
C ALA A 308 -19.67 -10.84 11.67
N PHE A 309 -18.89 -10.61 12.72
CA PHE A 309 -17.46 -10.32 12.58
C PHE A 309 -16.72 -11.38 11.78
N LEU A 310 -16.93 -12.66 12.09
CA LEU A 310 -16.21 -13.73 11.37
C LEU A 310 -16.60 -13.78 9.89
N GLN A 311 -17.88 -13.58 9.60
CA GLN A 311 -18.35 -13.57 8.20
C GLN A 311 -17.71 -12.43 7.39
N GLU A 312 -17.69 -11.24 7.99
CA GLU A 312 -17.07 -10.07 7.36
C GLU A 312 -15.57 -10.24 7.21
N ALA A 313 -14.93 -10.86 8.20
CA ALA A 313 -13.50 -11.11 8.17
C ALA A 313 -13.07 -11.96 6.99
N GLN A 314 -13.91 -12.89 6.59
CA GLN A 314 -13.64 -13.71 5.40
C GLN A 314 -13.56 -12.83 4.16
N VAL A 315 -14.38 -11.78 4.15
CA VAL A 315 -14.36 -10.82 3.06
C VAL A 315 -13.08 -9.99 3.13
N MET A 316 -12.86 -9.36 4.28
CA MET A 316 -11.63 -8.61 4.54
C MET A 316 -10.38 -9.40 4.12
N LYS A 317 -10.37 -10.70 4.39
CA LYS A 317 -9.26 -11.61 4.05
C LYS A 317 -8.97 -11.73 2.54
N LYS A 318 -9.98 -11.56 1.70
CA LYS A 318 -9.77 -11.67 0.24
C LYS A 318 -9.12 -10.43 -0.38
N LEU A 319 -9.09 -9.32 0.36
CA LEU A 319 -8.58 -8.04 -0.14
C LEU A 319 -7.07 -7.98 -0.08
N ARG A 320 -6.39 -8.12 -1.20
CA ARG A 320 -4.94 -8.03 -1.16
C ARG A 320 -4.46 -6.94 -2.10
N HIS A 321 -3.85 -5.90 -1.55
CA HIS A 321 -3.31 -4.82 -2.37
C HIS A 321 -2.19 -4.08 -1.64
N GLU A 322 -1.20 -3.66 -2.41
CA GLU A 322 -0.01 -2.99 -1.90
C GLU A 322 -0.36 -1.73 -1.07
N LYS A 323 -1.53 -1.15 -1.26
CA LYS A 323 -1.93 0.07 -0.55
C LYS A 323 -3.09 -0.21 0.42
N LEU A 324 -3.34 -1.46 0.72
CA LEU A 324 -4.26 -1.84 1.79
C LEU A 324 -3.45 -2.58 2.84
N VAL A 325 -3.60 -2.18 4.10
CA VAL A 325 -2.92 -2.92 5.18
C VAL A 325 -3.44 -4.38 5.26
N GLN A 326 -2.54 -5.36 5.24
CA GLN A 326 -2.92 -6.80 5.24
C GLN A 326 -3.49 -7.29 6.56
N LEU A 327 -4.68 -7.91 6.50
CA LEU A 327 -5.24 -8.64 7.63
C LEU A 327 -4.58 -10.02 7.72
N TYR A 328 -3.98 -10.32 8.86
CA TYR A 328 -3.28 -11.61 9.04
C TYR A 328 -4.17 -12.69 9.66
N ALA A 329 -4.87 -12.33 10.72
CA ALA A 329 -5.53 -13.30 11.56
C ALA A 329 -6.50 -12.63 12.50
N VAL A 330 -7.38 -13.44 13.07
CA VAL A 330 -8.42 -12.97 13.97
C VAL A 330 -8.58 -13.92 15.15
N VAL A 331 -9.02 -13.32 16.27
CA VAL A 331 -9.52 -14.05 17.42
C VAL A 331 -10.97 -13.64 17.50
N SER A 332 -11.85 -14.57 17.15
CA SER A 332 -13.24 -14.22 16.87
C SER A 332 -14.20 -14.40 18.04
N GLU A 333 -13.77 -14.90 19.18
CA GLU A 333 -14.63 -14.80 20.36
C GLU A 333 -14.33 -13.52 21.17
N GLU A 334 -15.35 -12.96 21.82
CA GLU A 334 -15.22 -11.72 22.59
C GLU A 334 -14.26 -11.91 23.76
N PRO A 335 -13.29 -10.97 23.96
CA PRO A 335 -12.99 -9.76 23.16
C PRO A 335 -12.25 -10.06 21.86
N ILE A 336 -12.80 -9.57 20.75
CA ILE A 336 -12.24 -9.89 19.44
C ILE A 336 -10.89 -9.20 19.21
N TYR A 337 -10.00 -9.88 18.49
CA TYR A 337 -8.71 -9.35 18.08
C TYR A 337 -8.63 -9.37 16.56
N ILE A 338 -8.08 -8.30 16.03
CA ILE A 338 -7.82 -8.15 14.60
C ILE A 338 -6.32 -7.99 14.51
N VAL A 339 -5.68 -8.96 13.88
CA VAL A 339 -4.22 -9.01 13.78
C VAL A 339 -3.80 -8.69 12.36
N THR A 340 -2.91 -7.71 12.24
CA THR A 340 -2.49 -7.20 10.95
C THR A 340 -1.01 -6.89 10.90
N GLU A 341 -0.56 -6.62 9.68
CA GLU A 341 0.66 -5.88 9.37
C GLU A 341 0.87 -4.68 10.32
N TYR A 342 2.08 -4.54 10.85
CA TYR A 342 2.47 -3.38 11.66
C TYR A 342 3.09 -2.30 10.75
N MET A 343 2.61 -1.07 10.83
CA MET A 343 3.08 0.00 9.96
C MET A 343 4.00 0.92 10.74
N SER A 344 5.29 0.96 10.37
CA SER A 344 6.35 1.53 11.25
C SER A 344 6.23 3.00 11.65
N LYS A 345 5.73 3.82 10.75
CA LYS A 345 5.61 5.26 11.01
C LYS A 345 4.23 5.72 11.52
N GLY A 346 3.26 4.82 11.62
CA GLY A 346 1.96 5.12 12.21
C GLY A 346 0.93 5.80 11.30
N SER A 347 -0.02 6.51 11.91
CA SER A 347 -1.08 7.13 11.13
C SER A 347 -0.59 8.35 10.37
N LEU A 348 -1.16 8.54 9.17
CA LEU A 348 -0.92 9.74 8.38
C LEU A 348 -1.21 11.00 9.19
N LEU A 349 -2.30 10.97 9.95
CA LEU A 349 -2.75 12.13 10.69
C LEU A 349 -1.65 12.73 11.57
N ASP A 350 -1.05 11.90 12.42
CA ASP A 350 0.11 12.29 13.23
C ASP A 350 1.37 12.60 12.40
N PHE A 351 1.58 11.89 11.29
CA PHE A 351 2.77 12.12 10.46
C PHE A 351 2.75 13.56 9.92
N LEU A 352 1.55 14.02 9.56
CA LEU A 352 1.33 15.38 8.99
C LEU A 352 1.64 16.48 10.00
N LYS A 353 1.41 16.19 11.29
CA LYS A 353 1.63 17.18 12.35
C LYS A 353 3.07 17.29 12.85
N GLY A 354 3.40 18.47 13.35
CA GLY A 354 4.67 18.65 14.06
C GLY A 354 5.89 18.43 13.18
N GLU A 355 6.95 17.90 13.77
CA GLU A 355 8.26 17.93 13.13
C GLU A 355 8.34 16.98 11.95
N THR A 356 7.63 15.86 12.01
CA THR A 356 7.63 14.89 10.90
C THR A 356 7.10 15.48 9.60
N GLY A 357 6.12 16.38 9.73
CA GLY A 357 5.49 17.01 8.59
C GLY A 357 6.02 18.37 8.16
N LYS A 358 6.97 18.93 8.88
CA LYS A 358 7.31 20.36 8.70
C LYS A 358 7.82 20.73 7.31
N TYR A 359 8.62 19.86 6.72
CA TYR A 359 9.15 20.06 5.38
C TYR A 359 8.37 19.28 4.31
N LEU A 360 7.14 18.85 4.63
CA LEU A 360 6.31 18.16 3.64
C LEU A 360 5.73 19.20 2.68
N ARG A 361 5.94 18.92 1.42
CA ARG A 361 5.70 19.83 0.33
C ARG A 361 4.58 19.19 -0.57
N LEU A 362 3.97 20.02 -1.39
CA LEU A 362 2.81 19.59 -2.14
C LEU A 362 3.05 18.37 -2.98
N PRO A 363 4.21 18.29 -3.65
CA PRO A 363 4.44 17.07 -4.45
C PRO A 363 4.34 15.77 -3.63
N GLN A 364 4.79 15.81 -2.38
CA GLN A 364 4.76 14.63 -1.51
C GLN A 364 3.35 14.36 -1.02
N LEU A 365 2.63 15.42 -0.66
CA LEU A 365 1.26 15.32 -0.21
C LEU A 365 0.33 14.78 -1.31
N VAL A 366 0.57 15.22 -2.55
CA VAL A 366 -0.15 14.72 -3.73
C VAL A 366 0.21 13.26 -3.98
N ASP A 367 1.49 12.92 -3.88
CA ASP A 367 1.89 11.51 -3.99
C ASP A 367 1.21 10.63 -2.94
N MET A 368 1.19 11.06 -1.69
CA MET A 368 0.46 10.30 -0.66
C MET A 368 -1.05 10.17 -1.01
N ALA A 369 -1.66 11.24 -1.50
CA ALA A 369 -3.06 11.19 -1.92
C ALA A 369 -3.29 10.18 -3.06
N ALA A 370 -2.34 10.08 -3.99
CA ALA A 370 -2.42 9.14 -5.11
C ALA A 370 -2.33 7.69 -4.70
N GLN A 371 -1.54 7.41 -3.67
CA GLN A 371 -1.46 6.08 -3.08
C GLN A 371 -2.79 5.71 -2.42
N ILE A 372 -3.34 6.63 -1.65
CA ILE A 372 -4.56 6.37 -0.97
C ILE A 372 -5.64 6.11 -2.02
N ALA A 373 -5.67 6.97 -3.04
CA ALA A 373 -6.58 6.82 -4.15
C ALA A 373 -6.42 5.50 -4.88
N SER A 374 -5.19 5.02 -5.00
CA SER A 374 -4.93 3.70 -5.61
C SER A 374 -5.49 2.50 -4.82
N GLY A 375 -5.34 2.53 -3.49
CA GLY A 375 -5.91 1.53 -2.61
C GLY A 375 -7.41 1.51 -2.72
N MET A 376 -8.01 2.69 -2.76
CA MET A 376 -9.46 2.81 -2.90
C MET A 376 -10.00 2.51 -4.28
N ALA A 377 -9.17 2.63 -5.30
CA ALA A 377 -9.52 2.13 -6.64
C ALA A 377 -9.61 0.61 -6.67
N TYR A 378 -8.79 -0.05 -5.85
CA TYR A 378 -8.88 -1.51 -5.71
C TYR A 378 -10.20 -1.87 -5.02
N VAL A 379 -10.46 -1.20 -3.90
CA VAL A 379 -11.72 -1.36 -3.17
C VAL A 379 -12.87 -1.21 -4.15
N GLU A 380 -12.79 -0.17 -4.97
CA GLU A 380 -13.80 0.15 -5.98
C GLU A 380 -13.89 -0.99 -7.01
N ARG A 381 -12.75 -1.45 -7.51
CA ARG A 381 -12.74 -2.53 -8.51
C ARG A 381 -13.38 -3.77 -7.91
N MET A 382 -13.15 -4.00 -6.61
CA MET A 382 -13.70 -5.18 -5.91
C MET A 382 -15.16 -5.03 -5.51
N ASN A 383 -15.80 -3.92 -5.89
CA ASN A 383 -17.17 -3.63 -5.49
C ASN A 383 -17.37 -3.61 -3.97
N TYR A 384 -16.46 -2.97 -3.27
CA TYR A 384 -16.49 -2.94 -1.80
C TYR A 384 -16.58 -1.49 -1.32
N VAL A 385 -16.77 -1.29 -0.02
CA VAL A 385 -16.97 0.05 0.55
C VAL A 385 -16.23 0.17 1.89
N HIS A 386 -15.47 1.23 2.06
CA HIS A 386 -14.70 1.42 3.31
C HIS A 386 -15.59 1.90 4.47
N ARG A 387 -16.36 2.95 4.28
CA ARG A 387 -17.22 3.54 5.35
C ARG A 387 -16.55 4.37 6.43
N ASP A 388 -15.22 4.39 6.51
CA ASP A 388 -14.56 5.22 7.53
C ASP A 388 -13.20 5.69 7.05
N LEU A 389 -13.20 6.25 5.86
CA LEU A 389 -12.00 6.79 5.27
C LEU A 389 -11.70 8.17 5.87
N ARG A 390 -10.47 8.32 6.34
CA ARG A 390 -9.98 9.58 6.91
C ARG A 390 -8.49 9.37 7.22
N ALA A 391 -7.76 10.46 7.38
CA ALA A 391 -6.32 10.40 7.55
C ALA A 391 -5.86 9.54 8.73
N ALA A 392 -6.70 9.48 9.77
CA ALA A 392 -6.36 8.67 10.97
C ALA A 392 -6.34 7.18 10.62
N ASN A 393 -7.12 6.80 9.60
CA ASN A 393 -7.19 5.42 9.08
C ASN A 393 -6.29 5.13 7.84
N ILE A 394 -5.35 6.02 7.61
CA ILE A 394 -4.29 5.78 6.66
C ILE A 394 -3.01 5.59 7.50
N LEU A 395 -2.23 4.57 7.15
CA LEU A 395 -0.99 4.29 7.85
C LEU A 395 0.21 4.41 6.94
N VAL A 396 1.33 4.78 7.53
CA VAL A 396 2.53 5.17 6.81
C VAL A 396 3.66 4.18 7.14
N GLY A 397 4.39 3.80 6.12
CA GLY A 397 5.48 2.84 6.23
C GLY A 397 6.75 3.48 5.76
N GLU A 398 7.67 2.69 5.24
CA GLU A 398 8.99 3.18 4.85
C GLU A 398 8.82 3.73 3.42
N ASN A 399 9.67 4.68 3.00
CA ASN A 399 9.57 5.32 1.68
C ASN A 399 8.31 6.14 1.46
N LEU A 400 7.70 6.61 2.57
CA LEU A 400 6.42 7.33 2.53
C LEU A 400 5.29 6.54 1.87
N VAL A 401 5.31 5.22 2.06
CA VAL A 401 4.23 4.37 1.59
C VAL A 401 3.03 4.64 2.47
N CYS A 402 1.89 4.82 1.83
CA CYS A 402 0.62 5.02 2.51
C CYS A 402 -0.33 3.85 2.20
N LYS A 403 -0.96 3.30 3.23
CA LYS A 403 -1.91 2.20 3.08
C LYS A 403 -3.19 2.50 3.84
N VAL A 404 -4.30 2.06 3.24
CA VAL A 404 -5.64 2.19 3.81
C VAL A 404 -5.82 1.09 4.86
N ALA A 405 -6.20 1.50 6.07
CA ALA A 405 -6.42 0.61 7.21
C ALA A 405 -7.87 0.61 7.61
N ASP A 406 -8.25 -0.38 8.41
CA ASP A 406 -9.50 -0.40 9.16
C ASP A 406 -10.74 -0.79 8.34
N PHE A 407 -10.55 -1.42 7.20
CA PHE A 407 -11.66 -1.70 6.31
C PHE A 407 -12.43 -2.92 6.81
N GLY A 408 -13.76 -2.82 6.74
CA GLY A 408 -14.66 -3.90 7.17
C GLY A 408 -15.40 -3.64 8.46
N LEU A 409 -14.78 -2.92 9.40
CA LEU A 409 -15.33 -2.81 10.76
C LEU A 409 -16.60 -1.96 10.94
N ALA A 410 -16.63 -0.80 10.27
CA ALA A 410 -17.64 0.22 10.58
C ALA A 410 -19.06 -0.28 10.38
N ARG A 411 -19.24 -1.12 9.36
CA ARG A 411 -20.52 -1.73 9.03
C ARG A 411 -21.03 -2.65 10.16
N LEU A 412 -20.11 -3.24 10.92
CA LEU A 412 -20.48 -4.14 12.02
C LEU A 412 -20.87 -3.44 13.32
N ILE A 413 -20.38 -2.22 13.55
CA ILE A 413 -20.62 -1.54 14.83
C ILE A 413 -22.11 -1.53 15.17
N GLU A 414 -22.44 -2.02 16.37
CA GLU A 414 -23.83 -2.20 16.80
C GLU A 414 -24.35 -1.12 17.76
N ASP A 415 -23.45 -0.26 18.24
CA ASP A 415 -23.84 0.94 18.99
C ASP A 415 -24.98 1.68 18.26
N ASN A 416 -26.12 1.85 18.97
CA ASN A 416 -27.35 2.41 18.39
C ASN A 416 -27.20 3.82 17.77
N GLU A 417 -26.52 4.72 18.48
CA GLU A 417 -26.20 6.06 17.95
C GLU A 417 -25.40 6.00 16.64
N TYR A 418 -24.30 5.23 16.65
CA TYR A 418 -23.41 5.06 15.49
C TYR A 418 -24.20 4.52 14.30
N THR A 419 -24.98 3.47 14.55
CA THR A 419 -25.89 2.89 13.55
C THR A 419 -26.79 3.98 12.92
N ALA A 420 -27.25 4.94 13.73
CA ALA A 420 -28.07 6.07 13.26
C ALA A 420 -27.25 7.29 12.80
N ARG A 421 -25.95 7.07 12.56
CA ARG A 421 -25.01 8.09 12.06
C ARG A 421 -24.99 9.36 12.92
N GLN A 422 -25.07 9.17 14.24
CA GLN A 422 -24.93 10.26 15.21
C GLN A 422 -24.06 9.83 16.41
N GLY A 423 -23.88 10.73 17.36
CA GLY A 423 -23.11 10.44 18.58
C GLY A 423 -21.64 10.73 18.44
N ALA A 424 -20.98 10.92 19.58
CA ALA A 424 -19.58 11.37 19.61
C ALA A 424 -18.60 10.36 19.03
N LYS A 425 -19.06 9.14 18.77
CA LYS A 425 -18.23 8.06 18.18
C LYS A 425 -18.19 8.05 16.65
N PHE A 426 -19.09 8.80 16.02
CA PHE A 426 -19.33 8.72 14.57
C PHE A 426 -18.72 9.91 13.83
N PRO A 427 -17.98 9.65 12.72
CA PRO A 427 -17.23 10.72 12.05
C PRO A 427 -18.08 11.50 11.03
N ILE A 428 -19.00 12.32 11.51
CA ILE A 428 -19.92 13.04 10.64
C ILE A 428 -19.17 13.97 9.68
N LYS A 429 -17.99 14.45 10.09
CA LYS A 429 -17.26 15.44 9.28
C LYS A 429 -16.67 14.88 8.03
N TRP A 430 -16.48 13.56 7.98
CA TRP A 430 -16.00 12.82 6.79
C TRP A 430 -17.11 12.11 6.00
N THR A 431 -18.36 12.25 6.44
CA THR A 431 -19.47 11.43 5.96
C THR A 431 -20.33 12.17 4.94
N ALA A 432 -20.46 11.56 3.76
CA ALA A 432 -21.36 12.03 2.73
C ALA A 432 -22.76 12.21 3.28
N PRO A 433 -23.40 13.30 2.90
CA PRO A 433 -24.71 13.58 3.48
C PRO A 433 -25.82 12.50 3.22
N GLU A 434 -25.72 11.76 2.12
CA GLU A 434 -26.74 10.73 1.83
C GLU A 434 -26.57 9.51 2.75
N ALA A 435 -25.34 9.34 3.23
CA ALA A 435 -24.98 8.27 4.15
C ALA A 435 -25.37 8.59 5.59
N ALA A 436 -25.11 9.81 6.03
CA ALA A 436 -25.54 10.28 7.35
C ALA A 436 -27.04 10.28 7.46
N LEU A 437 -27.72 10.80 6.45
CA LEU A 437 -29.18 10.95 6.51
C LEU A 437 -29.96 9.66 6.26
N TYR A 438 -29.51 8.84 5.31
CA TYR A 438 -30.28 7.69 4.85
C TYR A 438 -29.59 6.35 5.06
N GLY A 439 -28.38 6.37 5.60
CA GLY A 439 -27.59 5.15 5.70
C GLY A 439 -27.11 4.60 4.37
N ARG A 440 -26.98 5.45 3.34
CA ARG A 440 -26.46 5.00 2.05
C ARG A 440 -24.95 5.11 1.92
N PHE A 441 -24.28 4.09 2.39
CA PHE A 441 -22.83 4.03 2.29
C PHE A 441 -22.50 3.34 1.00
N THR A 442 -21.75 4.02 0.14
CA THR A 442 -21.33 3.44 -1.14
C THR A 442 -19.89 3.87 -1.42
N ILE A 443 -19.31 3.38 -2.50
CA ILE A 443 -18.00 3.88 -2.92
C ILE A 443 -18.06 5.38 -3.23
N LYS A 444 -19.23 5.93 -3.57
CA LYS A 444 -19.35 7.37 -3.81
C LYS A 444 -19.32 8.17 -2.51
N SER A 445 -19.81 7.59 -1.44
CA SER A 445 -19.65 8.22 -0.13
C SER A 445 -18.18 8.15 0.37
N ASP A 446 -17.47 7.08 0.02
CA ASP A 446 -16.04 7.07 0.25
C ASP A 446 -15.36 8.19 -0.55
N VAL A 447 -15.79 8.43 -1.78
CA VAL A 447 -15.20 9.51 -2.59
C VAL A 447 -15.40 10.85 -1.86
N TRP A 448 -16.57 11.06 -1.26
CA TRP A 448 -16.79 12.25 -0.46
C TRP A 448 -15.75 12.36 0.66
N SER A 449 -15.60 11.28 1.42
CA SER A 449 -14.63 11.20 2.48
C SER A 449 -13.17 11.46 2.05
N PHE A 450 -12.82 10.94 0.86
CA PHE A 450 -11.53 11.20 0.25
C PHE A 450 -11.28 12.71 0.02
N GLY A 451 -12.32 13.41 -0.45
CA GLY A 451 -12.25 14.87 -0.58
C GLY A 451 -11.98 15.57 0.75
N ILE A 452 -12.65 15.11 1.80
CA ILE A 452 -12.39 15.60 3.16
C ILE A 452 -10.95 15.29 3.59
N LEU A 453 -10.49 14.06 3.32
CA LEU A 453 -9.09 13.65 3.55
C LEU A 453 -8.11 14.57 2.84
N LEU A 454 -8.39 14.95 1.59
CA LEU A 454 -7.54 15.94 0.89
C LEU A 454 -7.33 17.22 1.63
N THR A 455 -8.35 17.67 2.37
CA THR A 455 -8.22 18.91 3.17
C THR A 455 -7.31 18.70 4.37
N GLU A 456 -7.42 17.54 5.01
CA GLU A 456 -6.46 17.16 6.06
C GLU A 456 -5.01 17.17 5.55
N LEU A 457 -4.78 16.59 4.36
CA LEU A 457 -3.44 16.54 3.74
C LEU A 457 -2.82 17.90 3.41
N THR A 458 -3.65 18.81 2.90
CA THR A 458 -3.17 20.12 2.55
C THR A 458 -3.23 21.08 3.74
N THR A 459 -3.58 20.62 4.93
CA THR A 459 -3.52 21.52 6.08
C THR A 459 -2.71 21.01 7.26
N LYS A 460 -1.77 20.10 7.04
CA LYS A 460 -1.02 19.51 8.18
C LYS A 460 -1.97 18.88 9.21
N GLY A 461 -3.04 18.30 8.70
CA GLY A 461 -3.99 17.58 9.51
C GLY A 461 -4.99 18.36 10.33
N ARG A 462 -5.28 19.64 10.04
CA ARG A 462 -6.30 20.30 10.86
C ARG A 462 -7.64 19.63 10.64
N VAL A 463 -8.45 19.66 11.70
CA VAL A 463 -9.76 19.07 11.72
C VAL A 463 -10.66 19.74 10.65
N PRO A 464 -11.45 18.95 9.91
CA PRO A 464 -12.35 19.57 8.93
C PRO A 464 -13.39 20.44 9.60
N TYR A 465 -13.92 21.42 8.86
CA TYR A 465 -14.97 22.31 9.39
C TYR A 465 -14.60 22.88 10.78
N PRO A 466 -13.48 23.61 10.84
CA PRO A 466 -12.95 24.12 12.11
C PRO A 466 -13.95 24.95 12.93
N GLY A 467 -14.76 25.75 12.26
CA GLY A 467 -15.81 26.50 13.00
C GLY A 467 -16.86 25.64 13.70
N MET A 468 -17.09 24.43 13.21
CA MET A 468 -18.29 23.70 13.50
C MET A 468 -18.10 22.54 14.44
N VAL A 469 -19.17 22.26 15.18
CA VAL A 469 -19.27 21.03 15.94
C VAL A 469 -20.05 20.03 15.11
N ASN A 470 -19.85 18.76 15.45
CA ASN A 470 -20.41 17.66 14.69
C ASN A 470 -21.88 17.86 14.42
N ARG A 471 -22.58 18.42 15.39
CA ARG A 471 -24.04 18.50 15.33
C ARG A 471 -24.56 19.63 14.43
N GLU A 472 -23.69 20.54 13.97
CA GLU A 472 -24.05 21.56 12.99
C GLU A 472 -23.63 21.22 11.56
N VAL A 473 -22.65 20.33 11.40
CA VAL A 473 -22.06 20.06 10.11
C VAL A 473 -23.10 19.59 9.08
N LEU A 474 -23.90 18.59 9.45
CA LEU A 474 -24.80 17.97 8.49
C LEU A 474 -25.82 18.97 7.97
N ASP A 475 -26.41 19.75 8.88
CA ASP A 475 -27.40 20.78 8.53
C ASP A 475 -26.85 21.67 7.43
N GLN A 476 -25.68 22.24 7.70
CA GLN A 476 -24.94 23.11 6.78
C GLN A 476 -24.60 22.47 5.43
N VAL A 477 -24.07 21.24 5.41
CA VAL A 477 -23.70 20.62 4.13
C VAL A 477 -24.94 20.30 3.31
N GLU A 478 -26.03 19.92 3.96
CA GLU A 478 -27.29 19.71 3.25
C GLU A 478 -27.85 20.94 2.57
N ARG A 479 -27.52 22.11 3.06
CA ARG A 479 -27.92 23.30 2.35
C ARG A 479 -26.81 23.90 1.48
N GLY A 480 -25.81 23.06 1.16
CA GLY A 480 -24.83 23.37 0.13
C GLY A 480 -23.53 23.97 0.64
N TYR A 481 -23.31 24.00 1.93
CA TYR A 481 -22.02 24.45 2.43
C TYR A 481 -20.91 23.46 2.12
N ARG A 482 -19.78 23.98 1.71
CA ARG A 482 -18.54 23.19 1.56
C ARG A 482 -17.38 24.01 2.08
N MET A 483 -16.33 23.35 2.59
CA MET A 483 -15.15 24.08 3.03
C MET A 483 -14.54 24.88 1.91
N PRO A 484 -14.10 26.12 2.21
CA PRO A 484 -13.43 26.92 1.19
C PRO A 484 -12.08 26.34 0.88
N CYS A 485 -11.41 26.88 -0.13
CA CYS A 485 -10.01 26.51 -0.41
C CYS A 485 -9.14 26.69 0.81
N PRO A 486 -8.44 25.62 1.25
CA PRO A 486 -7.55 25.80 2.38
C PRO A 486 -6.43 26.83 2.11
N PRO A 487 -5.96 27.48 3.18
CA PRO A 487 -4.92 28.46 3.00
C PRO A 487 -3.71 27.79 2.40
N GLU A 488 -3.14 28.42 1.37
CA GLU A 488 -1.96 27.90 0.70
C GLU A 488 -2.20 26.72 -0.20
N CYS A 489 -3.42 26.22 -0.26
CA CYS A 489 -3.75 25.13 -1.20
C CYS A 489 -4.12 25.73 -2.58
N PRO A 490 -3.62 25.15 -3.69
CA PRO A 490 -3.98 25.77 -4.97
C PRO A 490 -5.45 25.44 -5.35
N GLU A 491 -6.10 26.38 -6.04
CA GLU A 491 -7.54 26.24 -6.33
C GLU A 491 -7.85 24.99 -7.14
N SER A 492 -6.93 24.58 -8.01
CA SER A 492 -7.11 23.40 -8.86
C SER A 492 -7.26 22.10 -8.08
N LEU A 493 -6.58 22.03 -6.92
CA LEU A 493 -6.79 20.91 -6.03
C LEU A 493 -8.07 21.11 -5.21
N HIS A 494 -8.43 22.34 -4.88
CA HIS A 494 -9.70 22.60 -4.19
C HIS A 494 -10.85 22.18 -5.08
N ASP A 495 -10.70 22.46 -6.37
CA ASP A 495 -11.71 22.08 -7.34
C ASP A 495 -11.90 20.57 -7.35
N LEU A 496 -10.82 19.79 -7.23
CA LEU A 496 -10.92 18.32 -7.14
C LEU A 496 -11.73 17.86 -5.92
N MET A 497 -11.43 18.43 -4.75
CA MET A 497 -12.24 18.27 -3.55
C MET A 497 -13.75 18.55 -3.82
N CYS A 498 -14.04 19.64 -4.51
CA CYS A 498 -15.42 20.04 -4.79
C CYS A 498 -16.15 19.06 -5.70
N GLN A 499 -15.41 18.45 -6.64
CA GLN A 499 -15.96 17.35 -7.42
C GLN A 499 -16.31 16.20 -6.50
N CYS A 500 -15.44 15.90 -5.52
CA CYS A 500 -15.68 14.85 -4.53
C CYS A 500 -16.89 15.14 -3.63
N TRP A 501 -17.30 16.40 -3.53
CA TRP A 501 -18.38 16.81 -2.66
C TRP A 501 -19.65 17.19 -3.43
N ARG A 502 -19.80 16.69 -4.65
CA ARG A 502 -21.02 16.89 -5.36
C ARG A 502 -22.21 16.35 -4.59
N LYS A 503 -23.31 17.09 -4.66
CA LYS A 503 -24.55 16.70 -4.01
C LYS A 503 -24.96 15.34 -4.50
N GLU A 504 -24.97 15.17 -5.82
CA GLU A 504 -25.36 13.92 -6.46
C GLU A 504 -24.18 12.98 -6.40
N PRO A 505 -24.31 11.86 -5.68
CA PRO A 505 -23.19 10.93 -5.45
C PRO A 505 -22.62 10.36 -6.73
N GLU A 506 -23.46 10.17 -7.73
CA GLU A 506 -23.04 9.49 -8.94
C GLU A 506 -22.30 10.41 -9.90
N GLU A 507 -22.40 11.73 -9.72
CA GLU A 507 -21.55 12.68 -10.48
C GLU A 507 -20.20 12.97 -9.82
N ARG A 508 -19.90 12.29 -8.71
CA ARG A 508 -18.58 12.42 -8.09
C ARG A 508 -17.55 11.59 -8.89
N PRO A 509 -16.27 11.98 -8.92
CA PRO A 509 -15.31 11.16 -9.70
C PRO A 509 -15.10 9.73 -9.19
N THR A 510 -14.59 8.86 -10.04
CA THR A 510 -14.16 7.53 -9.59
C THR A 510 -12.81 7.67 -8.91
N PHE A 511 -12.50 6.70 -8.06
CA PHE A 511 -11.18 6.53 -7.53
C PHE A 511 -10.19 6.21 -8.64
N GLU A 512 -10.63 5.49 -9.67
CA GLU A 512 -9.80 5.30 -10.87
C GLU A 512 -9.35 6.66 -11.42
N TYR A 513 -10.32 7.59 -11.54
CA TYR A 513 -10.04 8.93 -12.05
C TYR A 513 -9.14 9.71 -11.08
N LEU A 514 -9.49 9.65 -9.81
CA LEU A 514 -8.76 10.40 -8.79
C LEU A 514 -7.28 10.00 -8.78
N GLN A 515 -7.00 8.68 -8.92
CA GLN A 515 -5.63 8.15 -8.87
C GLN A 515 -4.83 8.70 -10.06
N ALA A 516 -5.41 8.67 -11.24
CA ALA A 516 -4.71 9.15 -12.43
C ALA A 516 -4.45 10.64 -12.35
N PHE A 517 -5.48 11.39 -11.96
CA PHE A 517 -5.42 12.85 -11.84
C PHE A 517 -4.31 13.23 -10.90
N LEU A 518 -4.24 12.53 -9.79
CA LEU A 518 -3.25 12.85 -8.77
C LEU A 518 -1.83 12.41 -9.17
N GLU A 519 -1.71 11.24 -9.78
CA GLU A 519 -0.40 10.78 -10.26
C GLU A 519 0.17 11.73 -11.32
N ASP A 520 -0.69 12.25 -12.18
CA ASP A 520 -0.26 13.11 -13.26
C ASP A 520 -0.38 14.59 -12.94
N TYR A 521 -0.66 14.95 -11.69
CA TYR A 521 -1.00 16.34 -11.33
C TYR A 521 0.11 17.32 -11.73
N PHE A 522 1.34 16.87 -11.58
CA PHE A 522 2.51 17.66 -11.99
C PHE A 522 2.99 17.09 -13.31
N THR A 523 2.61 17.77 -14.38
CA THR A 523 2.82 17.25 -15.74
C THR A 523 4.17 17.69 -16.22
N SER A 524 5.04 16.72 -16.50
CA SER A 524 6.27 17.01 -17.23
C SER A 524 6.05 16.85 -18.75
N THR A 525 6.33 17.92 -19.49
CA THR A 525 6.60 17.85 -20.93
C THR A 525 7.41 16.59 -21.31
N GLU A 526 8.43 16.30 -20.48
CA GLU A 526 9.44 15.27 -20.71
C GLU A 526 9.01 13.93 -21.28
N PRO A 527 9.97 13.28 -22.00
CA PRO A 527 9.73 12.05 -22.70
C PRO A 527 9.69 10.93 -21.69
N GLN A 528 8.65 10.11 -21.80
CA GLN A 528 8.48 8.94 -20.95
C GLN A 528 9.69 8.00 -21.09
N PTR A 529 10.19 7.88 -22.32
CA PTR A 529 11.33 7.03 -22.60
C PTR A 529 12.43 7.91 -23.16
O PTR A 529 12.66 8.99 -22.65
CB PTR A 529 10.80 5.92 -23.51
CG PTR A 529 10.02 4.97 -22.64
CD1 PTR A 529 10.71 4.19 -21.71
CD2 PTR A 529 8.64 4.84 -22.75
CE1 PTR A 529 10.03 3.31 -20.89
CE2 PTR A 529 7.95 3.94 -21.93
CZ PTR A 529 8.65 3.17 -20.98
OH PTR A 529 8.07 2.26 -20.13
P PTR A 529 6.51 2.13 -19.82
O1P PTR A 529 5.97 3.53 -19.70
O2P PTR A 529 6.40 1.28 -18.61
O3P PTR A 529 6.03 1.41 -21.08
N GLN A 530 13.17 7.45 -24.16
CA GLN A 530 14.32 8.18 -24.63
C GLN A 530 14.53 7.84 -26.10
N PRO A 531 15.62 8.35 -26.70
CA PRO A 531 16.18 7.77 -27.92
C PRO A 531 17.14 6.59 -27.63
C1 H8H B . 5.25 7.57 18.52
N2 H8H B . 5.33 6.39 17.63
C3 H8H B . 4.57 5.28 18.25
C4 H8H B . 4.65 4.05 17.32
N5 H8H B . 4.14 4.37 15.96
C6 H8H B . 4.56 3.24 15.15
C7 H8H B . 3.36 2.52 14.57
O8 H8H B . 2.19 3.21 14.92
C9 H8H B . 1.12 2.48 14.51
C10 H8H B . -0.16 2.93 14.89
C11 H8H B . -1.28 2.23 14.52
O12 H8H B . -2.55 2.62 14.88
C13 H8H B . -2.64 4.00 15.21
C14 H8H B . -3.77 4.55 14.35
C15 H8H B . -4.31 5.90 14.86
O16 H8H B . -4.51 5.90 16.28
C17 H8H B . -3.40 5.49 17.08
C18 H8H B . -3.00 4.05 16.69
C19 H8H B . -1.15 1.07 13.72
C20 H8H B . -2.28 0.29 13.27
N21 H8H B . -3.59 0.66 13.60
C22 H8H B . -4.73 -0.10 13.23
C23 H8H B . -4.80 -1.48 13.53
O24 H8H B . -3.92 -2.36 14.14
C25 H8H B . -4.28 -3.66 13.63
O26 H8H B . -5.71 -3.51 13.57
C27 H8H B . -5.93 -2.21 13.18
C28 H8H B . -6.99 -1.60 12.53
C29 H8H B . -6.95 -0.24 12.26
C30 H8H B . -5.84 0.50 12.61
CL3 H8H B . -5.82 2.22 12.22
N32 H8H B . -2.04 -0.76 12.48
C33 H8H B . -0.83 -1.11 12.16
N34 H8H B . 0.24 -0.45 12.56
C35 H8H B . 0.15 0.64 13.32
C36 H8H B . 1.27 1.35 13.73
C37 H8H B . 4.82 5.54 15.39
C38 H8H B . 4.75 6.77 16.32
#